data_5UFT
#
_entry.id   5UFT
#
_cell.length_a   42.960
_cell.length_b   42.960
_cell.length_c   149.310
_cell.angle_alpha   90.000
_cell.angle_beta   90.000
_cell.angle_gamma   120.000
#
_symmetry.space_group_name_H-M   'P 31 2 1'
#
loop_
_entity.id
_entity.type
_entity.pdbx_description
1 polymer 'Nitrogen-fixing NifU-like, N-terminal'
2 water water
#
_entity_poly.entity_id   1
_entity_poly.type   'polypeptide(L)'
_entity_poly.pdbx_seq_one_letter_code
;GPGSMIDDIYNKRILEFAGNMERIGQLAEPDAVATVHSKLCGSTVTVYLKMRDGVVTDFAHEVKACALGQASSSVMARNV
IGATADELRAARDAMYRMLKENGPAPEGRFADMKYFEPVRDYKARHASTLLTFDAVADCIRQIEEKAKAA
;
_entity_poly.pdbx_strand_id   A
#
# COMPACT_ATOMS: atom_id res chain seq x y z
N SER A 4 -10.24 -21.88 9.87
CA SER A 4 -10.84 -20.70 10.48
C SER A 4 -11.07 -19.59 9.45
N MET A 5 -10.03 -19.31 8.66
CA MET A 5 -10.05 -18.28 7.63
C MET A 5 -10.21 -16.87 8.19
N ILE A 6 -11.26 -16.64 8.99
CA ILE A 6 -11.49 -15.29 9.50
C ILE A 6 -10.37 -14.88 10.47
N ASP A 7 -10.00 -15.78 11.38
CA ASP A 7 -8.85 -15.50 12.23
C ASP A 7 -7.55 -15.53 11.44
N ASP A 8 -7.51 -16.27 10.34
CA ASP A 8 -6.35 -16.21 9.46
C ASP A 8 -6.30 -14.90 8.69
N ILE A 9 -7.44 -14.26 8.47
CA ILE A 9 -7.48 -12.99 7.76
C ILE A 9 -7.25 -11.82 8.70
N TYR A 10 -7.99 -11.76 9.80
CA TYR A 10 -7.78 -10.74 10.83
C TYR A 10 -6.78 -11.23 11.87
N ASN A 11 -5.55 -11.49 11.41
CA ASN A 11 -4.55 -12.00 12.35
CA ASN A 11 -4.45 -11.94 12.26
C ASN A 11 -4.08 -10.88 13.28
N LYS A 12 -3.19 -11.26 14.20
CA LYS A 12 -2.67 -10.29 15.16
C LYS A 12 -1.76 -9.27 14.48
N ARG A 13 -1.03 -9.69 13.45
CA ARG A 13 -0.20 -8.75 12.71
C ARG A 13 -1.06 -7.75 11.94
N ILE A 14 -2.13 -8.23 11.30
CA ILE A 14 -3.02 -7.34 10.56
C ILE A 14 -3.64 -6.31 11.50
N LEU A 15 -4.06 -6.76 12.68
CA LEU A 15 -4.70 -5.85 13.64
C LEU A 15 -3.69 -4.86 14.24
N GLU A 16 -2.43 -5.26 14.35
CA GLU A 16 -1.41 -4.34 14.86
C GLU A 16 -1.05 -3.29 13.81
N PHE A 17 -1.01 -3.69 12.54
CA PHE A 17 -0.73 -2.73 11.47
C PHE A 17 -1.79 -1.65 11.40
N ALA A 18 -3.07 -2.06 11.29
CA ALA A 18 -4.15 -1.11 11.10
C ALA A 18 -4.27 -0.13 12.26
N GLY A 19 -3.89 -0.54 13.46
CA GLY A 19 -3.99 0.33 14.61
C GLY A 19 -2.85 1.31 14.81
N ASN A 20 -1.74 1.11 14.11
CA ASN A 20 -0.55 1.96 14.25
C ASN A 20 -0.10 2.46 12.87
N MET A 21 -0.90 3.33 12.27
CA MET A 21 -0.55 3.96 11.00
C MET A 21 0.27 5.21 11.28
N GLU A 22 1.43 5.30 10.64
CA GLU A 22 2.33 6.44 10.78
C GLU A 22 2.21 7.37 9.58
N ARG A 23 2.60 8.63 9.80
CA ARG A 23 2.67 9.64 8.75
C ARG A 23 1.31 9.94 8.14
N ILE A 24 0.29 10.09 8.98
CA ILE A 24 -1.03 10.49 8.52
C ILE A 24 -1.07 12.01 8.41
N GLY A 25 -1.45 12.51 7.26
CA GLY A 25 -1.55 13.93 7.04
C GLY A 25 -1.24 14.27 5.58
N GLN A 26 -0.58 15.41 5.39
CA GLN A 26 -0.24 15.90 4.07
C GLN A 26 1.18 16.46 4.10
N LEU A 27 1.80 16.49 2.92
CA LEU A 27 3.14 17.05 2.77
C LEU A 27 3.06 18.52 2.40
N ALA A 28 4.11 19.26 2.74
CA ALA A 28 4.13 20.71 2.52
C ALA A 28 4.12 21.03 1.02
N GLU A 29 5.16 20.64 0.31
CA GLU A 29 5.29 20.90 -1.13
C GLU A 29 5.57 19.59 -1.85
N PRO A 30 4.55 18.74 -1.97
CA PRO A 30 4.78 17.41 -2.57
C PRO A 30 5.05 17.51 -4.06
N ASP A 31 5.76 16.50 -4.57
CA ASP A 31 6.03 16.42 -6.00
C ASP A 31 4.84 15.85 -6.77
N ALA A 32 4.02 15.03 -6.12
CA ALA A 32 2.84 14.47 -6.75
C ALA A 32 1.88 14.01 -5.67
N VAL A 33 0.58 14.14 -5.96
CA VAL A 33 -0.48 13.70 -5.05
C VAL A 33 -1.45 12.83 -5.84
N ALA A 34 -1.70 11.63 -5.33
CA ALA A 34 -2.61 10.68 -5.96
C ALA A 34 -3.72 10.29 -4.99
N THR A 35 -4.95 10.28 -5.48
CA THR A 35 -6.11 9.84 -4.72
C THR A 35 -6.74 8.65 -5.43
N VAL A 36 -6.91 7.55 -4.71
CA VAL A 36 -7.41 6.30 -5.27
C VAL A 36 -8.65 5.87 -4.50
N HIS A 37 -9.67 5.42 -5.21
CA HIS A 37 -10.96 5.09 -4.61
C HIS A 37 -11.38 3.69 -5.02
N SER A 38 -11.95 2.95 -4.07
CA SER A 38 -12.52 1.63 -4.31
C SER A 38 -14.04 1.78 -4.34
N LYS A 39 -14.63 1.70 -5.54
CA LYS A 39 -16.05 1.97 -5.69
C LYS A 39 -16.91 0.91 -5.01
N LEU A 40 -16.38 -0.31 -4.83
CA LEU A 40 -17.18 -1.37 -4.24
C LEU A 40 -17.43 -1.11 -2.76
N CYS A 41 -16.39 -0.75 -2.01
CA CYS A 41 -16.49 -0.55 -0.57
C CYS A 41 -16.43 0.91 -0.16
N GLY A 42 -16.10 1.83 -1.06
CA GLY A 42 -16.04 3.24 -0.71
C GLY A 42 -14.80 3.65 0.04
N SER A 43 -13.72 2.89 -0.06
CA SER A 43 -12.48 3.22 0.62
C SER A 43 -11.62 4.15 -0.23
N THR A 44 -10.91 5.06 0.43
CA THR A 44 -10.15 6.10 -0.25
C THR A 44 -8.80 6.28 0.43
N VAL A 45 -7.76 6.46 -0.39
CA VAL A 45 -6.41 6.71 0.08
C VAL A 45 -5.80 7.82 -0.77
N THR A 46 -5.37 8.90 -0.12
CA THR A 46 -4.66 10.00 -0.77
C THR A 46 -3.21 9.97 -0.30
N VAL A 47 -2.28 9.85 -1.25
CA VAL A 47 -0.87 9.69 -0.95
C VAL A 47 -0.10 10.90 -1.44
N TYR A 48 0.76 11.45 -0.58
CA TYR A 48 1.66 12.54 -0.91
C TYR A 48 3.08 12.00 -0.96
N LEU A 49 3.82 12.34 -2.02
CA LEU A 49 5.11 11.70 -2.26
C LEU A 49 6.14 12.73 -2.72
N LYS A 50 7.36 12.57 -2.21
CA LYS A 50 8.52 13.32 -2.66
C LYS A 50 9.59 12.34 -3.13
N MET A 51 10.29 12.67 -4.21
CA MET A 51 11.30 11.80 -4.78
C MET A 51 12.49 12.62 -5.27
N ARG A 52 13.60 11.91 -5.51
CA ARG A 52 14.76 12.46 -6.19
C ARG A 52 15.68 11.32 -6.61
N ASP A 53 16.15 11.37 -7.86
CA ASP A 53 17.08 10.37 -8.39
C ASP A 53 16.53 8.95 -8.29
N GLY A 54 15.21 8.79 -8.44
CA GLY A 54 14.60 7.47 -8.38
C GLY A 54 14.37 6.93 -7.00
N VAL A 55 14.54 7.74 -5.96
CA VAL A 55 14.38 7.31 -4.57
C VAL A 55 13.32 8.16 -3.91
N VAL A 56 12.45 7.51 -3.14
CA VAL A 56 11.43 8.20 -2.36
C VAL A 56 12.09 8.81 -1.13
N THR A 57 11.88 10.11 -0.93
CA THR A 57 12.50 10.84 0.17
C THR A 57 11.51 11.27 1.25
N ASP A 58 10.22 11.35 0.95
CA ASP A 58 9.23 11.76 1.95
C ASP A 58 7.89 11.16 1.56
N PHE A 59 7.05 10.96 2.57
CA PHE A 59 5.77 10.29 2.37
C PHE A 59 4.76 10.75 3.41
N ALA A 60 3.51 10.90 2.97
CA ALA A 60 2.39 11.20 3.85
C ALA A 60 1.12 10.76 3.14
N HIS A 61 0.14 10.33 3.93
CA HIS A 61 -1.09 9.80 3.36
C HIS A 61 -2.26 10.03 4.30
N GLU A 62 -3.46 10.06 3.72
CA GLU A 62 -4.71 10.13 4.45
C GLU A 62 -5.54 8.91 4.05
N VAL A 63 -5.93 8.11 5.03
CA VAL A 63 -6.54 6.79 4.79
C VAL A 63 -7.93 6.77 5.41
N LYS A 64 -8.91 6.27 4.64
CA LYS A 64 -10.27 6.01 5.11
C LYS A 64 -10.71 4.71 4.45
N ALA A 65 -10.23 3.59 4.97
CA ALA A 65 -10.42 2.28 4.35
C ALA A 65 -10.74 1.25 5.44
N CYS A 66 -11.02 0.03 5.00
CA CYS A 66 -11.29 -1.06 5.93
C CYS A 66 -10.00 -1.47 6.65
N ALA A 67 -10.12 -2.49 7.51
CA ALA A 67 -8.98 -2.93 8.29
C ALA A 67 -7.84 -3.42 7.41
N LEU A 68 -8.17 -4.13 6.32
CA LEU A 68 -7.12 -4.60 5.42
C LEU A 68 -6.47 -3.43 4.69
N GLY A 69 -7.27 -2.44 4.28
CA GLY A 69 -6.69 -1.25 3.67
C GLY A 69 -5.85 -0.44 4.63
N GLN A 70 -6.28 -0.36 5.89
CA GLN A 70 -5.48 0.32 6.91
C GLN A 70 -4.18 -0.43 7.16
N ALA A 71 -4.25 -1.76 7.28
CA ALA A 71 -3.06 -2.54 7.57
C ALA A 71 -2.06 -2.48 6.42
N SER A 72 -2.54 -2.46 5.18
CA SER A 72 -1.65 -2.37 4.04
C SER A 72 -1.01 -0.99 3.95
N SER A 73 -1.79 0.06 4.24
CA SER A 73 -1.24 1.41 4.23
C SER A 73 -0.25 1.61 5.35
N SER A 74 -0.41 0.89 6.46
CA SER A 74 0.54 1.00 7.57
C SER A 74 1.89 0.40 7.20
N VAL A 75 1.88 -0.73 6.48
CA VAL A 75 3.13 -1.35 6.05
C VAL A 75 3.84 -0.44 5.04
N MET A 76 3.08 0.22 4.17
CA MET A 76 3.68 1.11 3.19
C MET A 76 4.38 2.28 3.88
N ALA A 77 3.71 2.91 4.85
CA ALA A 77 4.28 4.07 5.52
C ALA A 77 5.54 3.74 6.30
N ARG A 78 5.76 2.48 6.66
CA ARG A 78 6.94 2.09 7.42
C ARG A 78 8.13 1.76 6.53
N ASN A 79 7.91 1.48 5.25
CA ASN A 79 8.96 0.98 4.38
C ASN A 79 9.11 1.73 3.07
N VAL A 80 8.36 2.81 2.84
CA VAL A 80 8.38 3.45 1.54
C VAL A 80 9.56 4.42 1.43
N ILE A 81 9.89 5.12 2.51
CA ILE A 81 10.98 6.09 2.45
C ILE A 81 12.31 5.37 2.31
N GLY A 82 13.07 5.73 1.28
CA GLY A 82 14.31 5.07 0.96
C GLY A 82 14.20 4.02 -0.11
N ALA A 83 12.99 3.66 -0.52
CA ALA A 83 12.77 2.66 -1.56
C ALA A 83 12.94 3.28 -2.94
N THR A 84 13.34 2.45 -3.89
CA THR A 84 13.44 2.87 -5.29
C THR A 84 12.12 2.62 -6.00
N ALA A 85 11.95 3.28 -7.15
CA ALA A 85 10.76 3.08 -7.95
C ALA A 85 10.61 1.64 -8.40
N ASP A 86 11.74 0.99 -8.69
CA ASP A 86 11.70 -0.41 -9.11
C ASP A 86 11.31 -1.32 -7.94
N GLU A 87 11.75 -0.99 -6.73
CA GLU A 87 11.34 -1.78 -5.56
C GLU A 87 9.85 -1.65 -5.32
N LEU A 88 9.28 -0.47 -5.59
CA LEU A 88 7.86 -0.24 -5.31
C LEU A 88 6.98 -0.88 -6.38
N ARG A 89 7.37 -0.80 -7.65
CA ARG A 89 6.62 -1.48 -8.69
C ARG A 89 6.70 -2.99 -8.53
N ALA A 90 7.85 -3.50 -8.05
CA ALA A 90 7.97 -4.94 -7.83
C ALA A 90 7.04 -5.39 -6.71
N ALA A 91 6.96 -4.62 -5.62
CA ALA A 91 6.07 -4.98 -4.52
C ALA A 91 4.61 -4.94 -4.97
N ARG A 92 4.24 -3.92 -5.74
CA ARG A 92 2.88 -3.84 -6.27
C ARG A 92 2.61 -4.97 -7.24
N ASP A 93 3.59 -5.29 -8.09
CA ASP A 93 3.44 -6.42 -9.01
C ASP A 93 3.29 -7.72 -8.24
N ALA A 94 4.07 -7.89 -7.16
CA ALA A 94 3.96 -9.10 -6.36
C ALA A 94 2.64 -9.16 -5.62
N MET A 95 2.13 -8.00 -5.19
CA MET A 95 0.84 -7.98 -4.49
C MET A 95 -0.29 -8.38 -5.44
N TYR A 96 -0.27 -7.88 -6.68
CA TYR A 96 -1.27 -8.28 -7.66
C TYR A 96 -1.24 -9.78 -7.90
N ARG A 97 -0.05 -10.34 -8.13
CA ARG A 97 0.05 -11.76 -8.45
C ARG A 97 -0.27 -12.65 -7.27
N MET A 98 -0.12 -12.16 -6.04
CA MET A 98 -0.44 -12.98 -4.87
C MET A 98 -1.95 -13.14 -4.72
N LEU A 99 -2.71 -12.07 -4.89
CA LEU A 99 -4.14 -12.09 -4.65
C LEU A 99 -4.94 -12.58 -5.86
N LYS A 100 -4.44 -12.37 -7.08
CA LYS A 100 -5.18 -12.73 -8.28
C LYS A 100 -4.64 -13.96 -9.01
N GLU A 101 -3.36 -14.29 -8.85
CA GLU A 101 -2.72 -15.34 -9.63
C GLU A 101 -2.09 -16.42 -8.76
N ASN A 102 -2.49 -16.50 -7.49
CA ASN A 102 -1.96 -17.49 -6.54
C ASN A 102 -0.44 -17.41 -6.46
N GLY A 103 0.09 -16.20 -6.51
CA GLY A 103 1.51 -15.98 -6.50
C GLY A 103 2.07 -15.91 -5.09
N PRO A 104 3.39 -15.86 -5.00
CA PRO A 104 4.04 -15.82 -3.69
C PRO A 104 3.95 -14.43 -3.05
N ALA A 105 4.16 -14.42 -1.74
CA ALA A 105 4.12 -13.17 -1.00
C ALA A 105 5.33 -12.31 -1.35
N PRO A 106 5.19 -10.98 -1.29
CA PRO A 106 6.33 -10.11 -1.55
C PRO A 106 7.41 -10.29 -0.49
N GLU A 107 8.63 -9.89 -0.86
CA GLU A 107 9.77 -9.99 0.04
C GLU A 107 10.56 -8.69 0.05
N GLY A 108 11.72 -8.70 0.72
CA GLY A 108 12.50 -7.50 0.86
C GLY A 108 11.95 -6.56 1.90
N ARG A 109 11.89 -5.26 1.58
CA ARG A 109 11.34 -4.29 2.52
C ARG A 109 9.82 -4.36 2.62
N PHE A 110 9.17 -5.21 1.83
CA PHE A 110 7.73 -5.43 1.93
C PHE A 110 7.42 -6.88 2.29
N ALA A 111 8.30 -7.51 3.08
CA ALA A 111 8.07 -8.88 3.51
C ALA A 111 6.91 -9.00 4.49
N ASP A 112 6.51 -7.90 5.14
CA ASP A 112 5.38 -7.94 6.05
C ASP A 112 4.05 -8.19 5.35
N MET A 113 4.01 -8.09 4.02
CA MET A 113 2.80 -8.42 3.28
C MET A 113 2.53 -9.91 3.24
N LYS A 114 3.41 -10.74 3.81
CA LYS A 114 3.14 -12.16 3.92
C LYS A 114 1.92 -12.43 4.79
N TYR A 115 1.64 -11.53 5.73
CA TYR A 115 0.46 -11.67 6.59
C TYR A 115 -0.82 -11.28 5.87
N PHE A 116 -0.73 -10.79 4.64
CA PHE A 116 -1.89 -10.52 3.80
C PHE A 116 -2.20 -11.66 2.84
N GLU A 117 -1.47 -12.77 2.94
CA GLU A 117 -1.72 -13.90 2.05
C GLU A 117 -3.12 -14.49 2.21
N PRO A 118 -3.71 -14.61 3.40
CA PRO A 118 -5.10 -15.11 3.49
C PRO A 118 -6.11 -14.23 2.77
N VAL A 119 -5.79 -12.97 2.46
CA VAL A 119 -6.72 -12.12 1.73
C VAL A 119 -6.90 -12.61 0.28
N ARG A 120 -6.02 -13.50 -0.18
CA ARG A 120 -6.11 -14.02 -1.54
C ARG A 120 -7.48 -14.62 -1.83
N ASP A 121 -7.99 -15.45 -0.91
CA ASP A 121 -9.28 -16.11 -1.08
C ASP A 121 -10.45 -15.22 -0.68
N TYR A 122 -10.19 -13.93 -0.42
CA TYR A 122 -11.22 -12.97 -0.02
C TYR A 122 -11.24 -11.85 -1.07
N LYS A 123 -11.95 -12.10 -2.17
CA LYS A 123 -11.90 -11.19 -3.31
C LYS A 123 -12.48 -9.82 -2.98
N ALA A 124 -13.44 -9.76 -2.05
CA ALA A 124 -14.11 -8.50 -1.74
C ALA A 124 -13.20 -7.48 -1.07
N ARG A 125 -12.00 -7.88 -0.62
CA ARG A 125 -11.08 -6.97 0.03
C ARG A 125 -9.83 -6.70 -0.80
N HIS A 126 -9.77 -7.19 -2.03
CA HIS A 126 -8.55 -7.05 -2.82
C HIS A 126 -8.29 -5.58 -3.19
N ALA A 127 -9.34 -4.84 -3.53
CA ALA A 127 -9.15 -3.45 -3.96
C ALA A 127 -8.67 -2.58 -2.80
N SER A 128 -9.27 -2.76 -1.62
CA SER A 128 -8.91 -1.92 -0.48
C SER A 128 -7.47 -2.15 -0.05
N THR A 129 -7.00 -3.40 -0.12
CA THR A 129 -5.63 -3.70 0.28
C THR A 129 -4.63 -3.06 -0.66
N LEU A 130 -4.93 -3.02 -1.96
CA LEU A 130 -4.01 -2.50 -2.96
C LEU A 130 -4.09 -0.99 -3.15
N LEU A 131 -4.92 -0.30 -2.36
CA LEU A 131 -5.09 1.14 -2.55
C LEU A 131 -3.78 1.89 -2.35
N THR A 132 -3.04 1.55 -1.28
CA THR A 132 -1.80 2.28 -1.00
C THR A 132 -0.73 1.99 -2.04
N PHE A 133 -0.73 0.79 -2.63
CA PHE A 133 0.28 0.46 -3.64
C PHE A 133 -0.02 1.18 -4.95
N ASP A 134 -1.30 1.27 -5.32
CA ASP A 134 -1.65 1.94 -6.56
C ASP A 134 -1.55 3.46 -6.43
N ALA A 135 -1.75 3.98 -5.23
CA ALA A 135 -1.61 5.42 -5.03
C ALA A 135 -0.15 5.84 -5.10
N VAL A 136 0.76 5.01 -4.58
CA VAL A 136 2.19 5.32 -4.68
C VAL A 136 2.65 5.19 -6.12
N ALA A 137 2.22 4.14 -6.81
CA ALA A 137 2.63 3.94 -8.19
C ALA A 137 2.10 5.05 -9.09
N ASP A 138 0.97 5.65 -8.75
CA ASP A 138 0.45 6.75 -9.55
C ASP A 138 1.28 8.01 -9.33
N CYS A 139 1.73 8.25 -8.09
CA CYS A 139 2.61 9.37 -7.82
C CYS A 139 3.93 9.23 -8.57
N ILE A 140 4.50 8.02 -8.57
CA ILE A 140 5.72 7.77 -9.34
C ILE A 140 5.48 8.04 -10.81
N ARG A 141 4.34 7.58 -11.34
CA ARG A 141 4.03 7.81 -12.74
C ARG A 141 3.86 9.28 -13.05
N GLN A 142 3.34 10.06 -12.09
CA GLN A 142 3.21 11.50 -12.29
C GLN A 142 4.58 12.17 -12.35
N ILE A 143 5.45 11.84 -11.40
CA ILE A 143 6.78 12.46 -11.36
C ILE A 143 7.60 12.06 -12.57
N GLU A 144 7.42 10.83 -13.06
CA GLU A 144 8.14 10.39 -14.24
C GLU A 144 7.62 11.09 -15.49
N GLU A 145 6.30 11.27 -15.59
CA GLU A 145 5.71 11.92 -16.76
C GLU A 145 6.19 13.35 -16.91
N LYS A 146 6.55 14.00 -15.80
CA LYS A 146 7.09 15.35 -15.82
C LYS A 146 8.53 15.29 -16.31
N ALA A 147 8.69 15.25 -17.64
CA ALA A 147 9.99 15.17 -18.27
C ALA A 147 9.89 15.65 -19.73
#